data_5JAK
#
_entry.id   5JAK
#
_cell.length_a   31.237
_cell.length_b   77.990
_cell.length_c   87.048
_cell.angle_alpha   90.00
_cell.angle_beta   90.00
_cell.angle_gamma   90.00
#
_symmetry.space_group_name_H-M   'P 2 21 21'
#
loop_
_entity.id
_entity.type
_entity.pdbx_description
1 polymer 'Flagellar assembly factor FliW'
2 water water
#
_entity_poly.entity_id   1
_entity_poly.type   'polypeptide(L)'
_entity_poly.pdbx_seq_one_letter_code
;MGKIATKYHGDIEIHEKDIVRFEQGIPGFLEEKQFVLLQLEDTPFIILQSVNTPALGFVLIEPFSYFPTYEIDLDDNTLE
QLQITGEQDVALYVILTVADPFDDTTANLQAPIVINVHKRLGKQVILTNTNYKTKHRLFPEKVAKHHHHHH
;
_entity_poly.pdbx_strand_id   A
#
# COMPACT_ATOMS: atom_id res chain seq x y z
N GLY A 2 0.31 0.94 22.00
CA GLY A 2 0.23 2.40 22.03
C GLY A 2 -1.10 2.95 21.47
N LYS A 3 -1.34 4.24 21.71
CA LYS A 3 -2.53 4.96 21.27
C LYS A 3 -2.12 6.04 20.26
N ILE A 4 -2.75 6.04 19.07
CA ILE A 4 -2.40 6.99 18.02
C ILE A 4 -3.65 7.67 17.49
N ALA A 5 -3.47 8.87 16.97
CA ALA A 5 -4.51 9.55 16.20
C ALA A 5 -4.35 9.22 14.72
N THR A 6 -5.46 9.29 13.97
CA THR A 6 -5.45 8.81 12.57
C THR A 6 -6.17 9.78 11.66
N LYS A 7 -6.05 9.55 10.36
CA LYS A 7 -6.65 10.44 9.39
C LYS A 7 -8.14 10.17 9.23
N TYR A 8 -8.55 8.90 9.24
CA TYR A 8 -9.95 8.55 9.04
C TYR A 8 -10.59 7.77 10.17
N HIS A 9 -9.84 7.34 11.19
CA HIS A 9 -10.39 6.42 12.17
C HIS A 9 -10.54 6.96 13.58
N GLY A 10 -10.28 8.23 13.83
CA GLY A 10 -10.22 8.69 15.20
C GLY A 10 -9.08 8.01 15.95
N ASP A 11 -9.11 8.16 17.28
CA ASP A 11 -8.02 7.64 18.09
C ASP A 11 -8.19 6.14 18.25
N ILE A 12 -7.12 5.39 18.05
CA ILE A 12 -7.21 3.94 18.21
C ILE A 12 -6.01 3.42 19.00
N GLU A 13 -6.18 2.23 19.55
CA GLU A 13 -5.08 1.50 20.16
C GLU A 13 -4.44 0.61 19.12
N ILE A 14 -3.12 0.57 19.10
CA ILE A 14 -2.41 -0.34 18.21
C ILE A 14 -1.43 -1.15 19.04
N HIS A 15 -1.00 -2.27 18.48
CA HIS A 15 -0.02 -3.11 19.14
C HIS A 15 1.18 -3.29 18.22
N GLU A 16 2.36 -3.51 18.82
CA GLU A 16 3.57 -3.66 18.01
C GLU A 16 3.37 -4.71 16.91
N LYS A 17 2.60 -5.76 17.22
CA LYS A 17 2.26 -6.81 16.26
C LYS A 17 1.64 -6.26 15.00
N ASP A 18 0.91 -5.15 15.09
CA ASP A 18 0.20 -4.56 13.96
C ASP A 18 1.10 -3.73 13.04
N ILE A 19 2.30 -3.35 13.46
CA ILE A 19 3.06 -2.35 12.72
C ILE A 19 3.82 -3.02 11.58
N VAL A 20 3.67 -2.47 10.38
CA VAL A 20 4.48 -2.85 9.22
C VAL A 20 5.63 -1.86 9.10
N ARG A 21 6.85 -2.37 9.12
CA ARG A 21 8.03 -1.53 8.95
C ARG A 21 8.36 -1.33 7.47
N PHE A 22 8.56 -0.06 7.06
CA PHE A 22 9.06 0.32 5.72
C PHE A 22 10.48 0.84 5.92
N GLU A 23 11.46 -0.05 5.72
CA GLU A 23 12.85 0.29 6.04
C GLU A 23 13.38 1.44 5.21
N GLN A 24 12.85 1.65 4.00
CA GLN A 24 13.22 2.75 3.15
C GLN A 24 12.20 3.88 3.18
N GLY A 25 11.29 3.87 4.15
CA GLY A 25 10.13 4.73 4.09
C GLY A 25 9.34 4.47 2.83
N ILE A 26 8.69 5.52 2.34
CA ILE A 26 7.92 5.53 1.11
C ILE A 26 8.41 6.73 0.31
N PRO A 27 8.54 6.67 -1.02
CA PRO A 27 9.08 7.85 -1.75
C PRO A 27 8.27 9.09 -1.43
N GLY A 28 8.98 10.21 -1.13
CA GLY A 28 8.36 11.45 -0.69
C GLY A 28 8.20 11.53 0.83
N PHE A 29 8.40 10.42 1.51
CA PHE A 29 8.22 10.27 2.95
C PHE A 29 9.29 9.30 3.46
N LEU A 30 10.55 9.63 3.19
CA LEU A 30 11.65 8.68 3.46
C LEU A 30 11.81 8.36 4.93
N GLU A 31 11.33 9.26 5.81
CA GLU A 31 11.44 9.14 7.26
C GLU A 31 10.29 8.38 7.90
N GLU A 32 9.26 8.04 7.13
CA GLU A 32 8.05 7.37 7.64
C GLU A 32 8.26 5.86 7.52
N LYS A 33 8.69 5.24 8.62
CA LYS A 33 9.08 3.84 8.60
C LYS A 33 8.12 2.92 9.35
N GLN A 34 7.02 3.44 9.89
CA GLN A 34 6.07 2.60 10.63
C GLN A 34 4.63 2.93 10.22
N PHE A 35 3.91 1.92 9.74
CA PHE A 35 2.52 2.06 9.28
C PHE A 35 1.66 0.93 9.83
N VAL A 36 0.37 1.21 9.97
CA VAL A 36 -0.63 0.17 10.25
C VAL A 36 -1.66 0.21 9.12
N LEU A 37 -2.29 -0.94 8.87
CA LEU A 37 -3.31 -1.07 7.82
C LEU A 37 -4.70 -1.09 8.46
N LEU A 38 -5.53 -0.09 8.13
CA LEU A 38 -6.84 0.09 8.76
C LEU A 38 -7.96 0.02 7.72
N GLN A 39 -8.76 -1.05 7.74
CA GLN A 39 -9.95 -1.17 6.89
C GLN A 39 -11.00 -0.11 7.30
N LEU A 40 -11.90 0.25 6.37
CA LEU A 40 -12.65 1.50 6.59
C LEU A 40 -14.10 1.70 7.18
N GLU A 41 -14.89 0.76 7.70
CA GLU A 41 -15.02 -0.66 7.42
C GLU A 41 -16.22 -0.73 6.49
N ASP A 42 -16.62 -1.95 6.14
CA ASP A 42 -17.59 -2.31 5.10
C ASP A 42 -17.43 -1.53 3.80
N THR A 43 -16.21 -1.11 3.49
CA THR A 43 -15.80 -0.63 2.18
C THR A 43 -14.60 -1.46 1.74
N PRO A 44 -14.24 -1.43 0.46
CA PRO A 44 -13.02 -2.14 0.03
C PRO A 44 -11.73 -1.39 0.31
N PHE A 45 -11.79 -0.22 0.93
CA PHE A 45 -10.60 0.61 1.04
C PHE A 45 -9.87 0.33 2.35
N ILE A 46 -8.54 0.32 2.27
CA ILE A 46 -7.65 0.06 3.40
C ILE A 46 -6.73 1.28 3.53
N ILE A 47 -6.63 1.84 4.73
CA ILE A 47 -5.76 3.02 4.90
C ILE A 47 -4.40 2.55 5.38
N LEU A 48 -3.34 2.97 4.67
CA LEU A 48 -1.95 2.81 5.11
C LEU A 48 -1.63 4.01 6.01
N GLN A 49 -1.84 3.85 7.32
CA GLN A 49 -1.84 4.95 8.28
C GLN A 49 -0.50 5.00 9.00
N SER A 50 0.16 6.17 8.93
CA SER A 50 1.40 6.37 9.67
C SER A 50 1.16 6.32 11.17
N VAL A 51 2.03 5.60 11.88
CA VAL A 51 1.96 5.48 13.35
C VAL A 51 2.55 6.73 14.04
N ASN A 52 3.29 7.55 13.31
CA ASN A 52 3.92 8.74 13.86
C ASN A 52 3.29 10.05 13.41
N THR A 53 2.55 10.04 12.31
CA THR A 53 2.02 11.26 11.71
C THR A 53 0.54 11.06 11.42
N PRO A 54 -0.36 11.55 12.29
CA PRO A 54 -1.80 11.30 12.10
C PRO A 54 -2.34 11.68 10.74
N ALA A 55 -1.86 12.77 10.14
CA ALA A 55 -2.43 13.24 8.86
C ALA A 55 -1.93 12.45 7.66
N LEU A 56 -0.99 11.55 7.83
CA LEU A 56 -0.53 10.76 6.72
C LEU A 56 -1.20 9.40 6.66
N GLY A 57 -2.12 9.25 5.74
CA GLY A 57 -2.81 8.01 5.51
C GLY A 57 -3.06 7.84 4.03
N PHE A 58 -2.52 6.81 3.42
CA PHE A 58 -2.74 6.60 2.00
C PHE A 58 -3.95 5.72 1.78
N VAL A 59 -4.74 5.99 0.75
CA VAL A 59 -5.89 5.16 0.46
C VAL A 59 -5.47 4.03 -0.46
N LEU A 60 -5.62 2.79 -0.01
CA LEU A 60 -5.22 1.60 -0.75
C LEU A 60 -6.44 0.78 -1.19
N ILE A 61 -6.30 0.08 -2.32
CA ILE A 61 -7.21 -1.00 -2.69
C ILE A 61 -6.40 -2.23 -3.07
N GLU A 62 -7.03 -3.40 -2.95
CA GLU A 62 -6.47 -4.58 -3.62
C GLU A 62 -6.73 -4.42 -5.10
N PRO A 63 -5.71 -4.50 -5.95
CA PRO A 63 -5.89 -4.05 -7.34
C PRO A 63 -6.86 -4.88 -8.16
N PHE A 64 -7.08 -6.14 -7.82
CA PHE A 64 -7.97 -6.93 -8.67
C PHE A 64 -9.42 -6.49 -8.55
N SER A 65 -9.72 -5.66 -7.53
CA SER A 65 -10.99 -4.96 -7.46
C SER A 65 -11.34 -4.25 -8.77
N TYR A 66 -10.38 -3.54 -9.35
CA TYR A 66 -10.63 -2.74 -10.54
C TYR A 66 -9.91 -3.18 -11.79
N PHE A 67 -8.83 -3.94 -11.66
CA PHE A 67 -7.93 -4.24 -12.78
C PHE A 67 -7.73 -5.74 -12.76
N PRO A 68 -8.70 -6.50 -13.26
CA PRO A 68 -8.64 -7.97 -13.14
C PRO A 68 -7.46 -8.59 -13.87
N THR A 69 -6.91 -7.94 -14.88
CA THR A 69 -5.78 -8.49 -15.62
C THR A 69 -4.43 -8.02 -15.08
N TYR A 70 -4.43 -7.33 -13.95
CA TYR A 70 -3.18 -6.83 -13.38
C TYR A 70 -2.29 -8.01 -12.98
N GLU A 71 -1.00 -7.92 -13.32
CA GLU A 71 -0.05 -8.98 -13.04
C GLU A 71 1.30 -8.38 -12.71
N ILE A 72 1.93 -8.90 -11.67
CA ILE A 72 3.12 -8.36 -11.06
C ILE A 72 4.15 -9.47 -10.95
N ASP A 73 5.41 -9.15 -11.22
CA ASP A 73 6.51 -10.08 -11.00
C ASP A 73 7.55 -9.35 -10.18
N LEU A 74 7.90 -9.91 -9.03
CA LEU A 74 8.87 -9.27 -8.15
C LEU A 74 10.25 -9.79 -8.48
N ASP A 75 11.23 -8.89 -8.55
CA ASP A 75 12.56 -9.37 -8.90
C ASP A 75 13.29 -9.84 -7.65
N ASP A 76 14.45 -10.46 -7.86
CA ASP A 76 15.19 -11.03 -6.73
C ASP A 76 15.60 -9.94 -5.74
N ASN A 77 16.16 -8.84 -6.25
CA ASN A 77 16.59 -7.75 -5.38
C ASN A 77 15.45 -7.24 -4.52
N THR A 78 14.20 -7.26 -5.03
CA THR A 78 13.06 -6.85 -4.22
C THR A 78 12.72 -7.89 -3.16
N LEU A 79 12.76 -9.18 -3.54
CA LEU A 79 12.58 -10.25 -2.57
C LEU A 79 13.64 -10.18 -1.47
N GLU A 80 14.90 -9.90 -1.83
CA GLU A 80 15.95 -9.79 -0.82
C GLU A 80 15.75 -8.56 0.07
N GLN A 81 15.39 -7.41 -0.52
CA GLN A 81 15.17 -6.21 0.29
C GLN A 81 14.00 -6.40 1.26
N LEU A 82 12.97 -7.15 0.85
CA LEU A 82 11.84 -7.45 1.74
C LEU A 82 12.05 -8.75 2.51
N GLN A 83 13.19 -9.40 2.33
CA GLN A 83 13.50 -10.68 2.98
C GLN A 83 12.37 -11.71 2.76
N ILE A 84 11.87 -11.80 1.54
CA ILE A 84 10.83 -12.78 1.19
C ILE A 84 11.52 -14.08 0.79
N THR A 85 11.33 -15.13 1.59
CA THR A 85 11.87 -16.46 1.30
C THR A 85 10.83 -17.53 1.58
N GLY A 86 10.93 -18.64 0.85
CA GLY A 86 10.11 -19.82 1.14
C GLY A 86 8.63 -19.54 1.27
N GLU A 87 8.03 -20.09 2.34
CA GLU A 87 6.59 -20.12 2.54
C GLU A 87 6.03 -18.86 3.20
N GLN A 88 6.79 -17.77 3.24
CA GLN A 88 6.26 -16.53 3.81
C GLN A 88 5.20 -15.94 2.89
N ASP A 89 4.26 -15.19 3.48
CA ASP A 89 3.14 -14.66 2.70
C ASP A 89 3.34 -13.18 2.37
N VAL A 90 2.88 -12.79 1.18
CA VAL A 90 3.08 -11.46 0.63
C VAL A 90 1.72 -10.86 0.27
N ALA A 91 1.50 -9.60 0.68
CA ALA A 91 0.28 -8.86 0.41
C ALA A 91 0.57 -7.76 -0.60
N LEU A 92 -0.43 -7.47 -1.46
CA LEU A 92 -0.27 -6.56 -2.60
C LEU A 92 -1.39 -5.52 -2.66
N TYR A 93 -1.02 -4.24 -2.77
CA TYR A 93 -2.01 -3.16 -2.81
C TYR A 93 -1.56 -2.11 -3.82
N VAL A 94 -2.51 -1.27 -4.25
CA VAL A 94 -2.16 -0.07 -5.02
C VAL A 94 -2.74 1.17 -4.37
N ILE A 95 -2.00 2.28 -4.48
CA ILE A 95 -2.43 3.56 -3.90
C ILE A 95 -3.41 4.23 -4.83
N LEU A 96 -4.53 4.71 -4.28
CA LEU A 96 -5.51 5.48 -5.03
C LEU A 96 -5.30 6.97 -4.80
N THR A 97 -5.36 7.75 -5.89
CA THR A 97 -5.51 9.21 -5.83
C THR A 97 -6.98 9.53 -6.08
N VAL A 98 -7.68 9.96 -5.02
CA VAL A 98 -9.12 10.20 -5.10
C VAL A 98 -9.36 11.66 -5.47
N ALA A 99 -10.06 11.89 -6.57
CA ALA A 99 -10.05 13.22 -7.20
C ALA A 99 -11.18 14.14 -6.73
N PHE A 102 -16.43 10.36 -6.89
CA PHE A 102 -15.40 9.35 -7.01
C PHE A 102 -14.89 9.26 -8.45
N ASP A 103 -15.50 10.06 -9.27
CA ASP A 103 -15.35 10.02 -10.69
C ASP A 103 -13.98 10.04 -11.38
N ASP A 104 -13.06 10.92 -11.03
CA ASP A 104 -11.78 10.99 -11.72
C ASP A 104 -10.56 10.32 -11.05
N THR A 105 -10.80 9.41 -10.14
CA THR A 105 -9.76 8.75 -9.42
C THR A 105 -8.81 7.88 -10.26
N THR A 106 -7.55 7.83 -9.87
CA THR A 106 -6.60 6.97 -10.55
C THR A 106 -5.92 6.07 -9.53
N ALA A 107 -5.39 4.95 -10.04
CA ALA A 107 -4.59 4.05 -9.22
C ALA A 107 -3.18 4.00 -9.78
N ASN A 108 -2.19 3.91 -8.89
CA ASN A 108 -0.79 3.81 -9.32
C ASN A 108 -0.44 2.32 -9.53
N LEU A 109 -0.57 1.84 -10.77
CA LEU A 109 -0.27 0.42 -11.03
C LEU A 109 1.22 0.17 -11.24
N GLN A 110 1.98 1.19 -11.58
CA GLN A 110 3.42 1.06 -11.80
C GLN A 110 4.18 0.76 -10.51
N ALA A 111 3.67 1.25 -9.37
CA ALA A 111 4.40 1.27 -8.10
C ALA A 111 3.49 0.79 -6.98
N PRO A 112 3.19 -0.50 -6.94
CA PRO A 112 2.36 -1.08 -5.88
C PRO A 112 3.04 -1.12 -4.51
N ILE A 113 2.21 -1.24 -3.48
CA ILE A 113 2.68 -1.44 -2.12
C ILE A 113 2.79 -2.95 -1.89
N VAL A 114 3.96 -3.44 -1.49
CA VAL A 114 4.22 -4.87 -1.32
C VAL A 114 4.66 -5.09 0.12
N ILE A 115 4.04 -6.05 0.80
CA ILE A 115 4.32 -6.25 2.23
C ILE A 115 4.61 -7.72 2.52
N ASN A 116 5.79 -7.98 3.08
CA ASN A 116 6.11 -9.29 3.67
C ASN A 116 5.40 -9.32 4.99
N VAL A 117 4.24 -9.98 5.01
CA VAL A 117 3.39 -9.92 6.20
C VAL A 117 4.09 -10.57 7.41
N HIS A 118 4.82 -11.66 7.19
CA HIS A 118 5.41 -12.34 8.33
C HIS A 118 6.58 -11.57 8.92
N LYS A 119 7.50 -11.11 8.08
CA LYS A 119 8.57 -10.26 8.58
C LYS A 119 8.06 -8.85 8.91
N ARG A 120 6.80 -8.56 8.58
CA ARG A 120 6.19 -7.22 8.70
C ARG A 120 7.10 -6.15 8.12
N LEU A 121 7.45 -6.34 6.84
CA LEU A 121 8.23 -5.37 6.11
C LEU A 121 7.46 -4.98 4.85
N GLY A 122 7.56 -3.70 4.49
CA GLY A 122 6.92 -3.24 3.29
C GLY A 122 7.80 -2.32 2.47
N LYS A 123 7.35 -2.11 1.23
CA LYS A 123 8.05 -1.26 0.31
C LYS A 123 7.08 -0.86 -0.78
N GLN A 124 7.22 0.35 -1.31
CA GLN A 124 6.62 0.69 -2.59
C GLN A 124 7.61 0.25 -3.66
N VAL A 125 7.23 -0.76 -4.43
CA VAL A 125 8.08 -1.40 -5.43
C VAL A 125 7.82 -0.73 -6.77
N ILE A 126 8.87 -0.30 -7.44
CA ILE A 126 8.72 0.29 -8.78
C ILE A 126 8.96 -0.80 -9.82
N LEU A 127 7.88 -1.18 -10.51
CA LEU A 127 7.93 -2.24 -11.52
C LEU A 127 8.67 -1.76 -12.74
N THR A 128 9.41 -2.67 -13.35
CA THR A 128 10.22 -2.34 -14.51
C THR A 128 9.75 -3.06 -15.76
N ASN A 129 10.05 -2.41 -16.91
CA ASN A 129 9.74 -2.92 -18.24
C ASN A 129 8.28 -3.37 -18.33
N THR A 130 7.35 -2.59 -17.77
CA THR A 130 5.93 -2.83 -17.98
C THR A 130 5.32 -1.65 -18.72
N ASN A 131 4.08 -1.83 -19.14
CA ASN A 131 3.26 -0.74 -19.66
C ASN A 131 2.42 -0.08 -18.58
N TYR A 132 2.67 -0.40 -17.32
CA TYR A 132 1.90 0.22 -16.25
C TYR A 132 2.36 1.65 -16.03
N LYS A 133 1.39 2.51 -15.70
CA LYS A 133 1.58 3.93 -15.48
C LYS A 133 1.30 4.27 -14.01
N THR A 134 1.71 5.48 -13.61
CA THR A 134 1.44 5.90 -12.23
C THR A 134 0.01 6.42 -12.03
N LYS A 135 -0.76 6.61 -13.12
CA LYS A 135 -2.16 6.99 -13.06
C LYS A 135 -2.91 6.13 -14.09
N HIS A 136 -3.71 5.18 -13.59
CA HIS A 136 -4.70 4.45 -14.38
C HIS A 136 -6.07 4.85 -13.88
N ARG A 137 -6.93 5.30 -14.78
CA ARG A 137 -8.28 5.64 -14.35
C ARG A 137 -9.04 4.38 -13.92
N LEU A 138 -9.78 4.49 -12.84
CA LEU A 138 -10.61 3.40 -12.36
C LEU A 138 -11.77 3.16 -13.31
N PHE A 139 -12.30 4.25 -13.85
CA PHE A 139 -13.42 4.21 -14.76
C PHE A 139 -12.91 4.67 -16.13
N PRO A 140 -13.14 3.82 -17.19
CA PRO A 140 -12.66 4.31 -18.50
C PRO A 140 -13.41 5.59 -18.78
N GLU A 141 -12.84 6.51 -19.53
CA GLU A 141 -13.54 7.77 -19.78
C GLU A 141 -14.86 7.56 -20.53
N LYS A 142 -15.03 6.43 -21.18
CA LYS A 142 -16.25 6.22 -21.96
C LYS A 142 -17.53 6.18 -21.11
N VAL A 143 -17.53 5.63 -19.88
CA VAL A 143 -18.79 5.68 -19.08
C VAL A 143 -18.91 7.09 -18.48
#